data_5VL6
#
_entry.id   5VL6
#
_entity_poly.entity_id   1
_entity_poly.type   'polypeptide(L)'
_entity_poly.pdbx_seq_one_letter_code
;NVHTFRGDNVHNSSSSL
;
_entity_poly.pdbx_strand_id   A
#
# COMPACT_ATOMS: atom_id res chain seq x y z
N ASN A 1 1.35 9.32 5.17
CA ASN A 1 0.94 8.54 6.37
C ASN A 1 -0.30 7.63 6.13
N VAL A 2 -1.36 8.14 5.46
CA VAL A 2 -2.60 7.38 5.15
C VAL A 2 -2.48 6.36 3.95
N HIS A 3 -1.49 6.51 3.03
CA HIS A 3 -1.24 5.59 1.87
C HIS A 3 -1.27 4.09 2.30
N THR A 4 -0.60 3.77 3.44
CA THR A 4 -0.57 2.41 4.05
C THR A 4 -2.00 1.92 4.55
N PHE A 5 -2.90 2.89 4.84
CA PHE A 5 -4.28 2.73 5.27
C PHE A 5 -5.36 2.63 4.16
N ARG A 6 -5.11 3.11 2.93
CA ARG A 6 -6.08 3.06 1.82
C ARG A 6 -5.50 2.53 0.49
N GLY A 7 -5.28 1.23 0.60
CA GLY A 7 -4.72 0.36 -0.45
C GLY A 7 -3.36 -0.28 -0.10
N ASP A 8 -3.00 -0.40 1.20
CA ASP A 8 -1.72 -0.98 1.69
C ASP A 8 -0.43 -0.42 1.01
N ASN A 9 -0.40 0.90 0.71
CA ASN A 9 0.74 1.58 0.05
C ASN A 9 1.01 1.11 -1.41
N VAL A 10 -0.07 0.98 -2.20
CA VAL A 10 -0.04 0.52 -3.62
C VAL A 10 0.37 -0.97 -3.74
N HIS A 11 -0.39 -1.81 -3.00
CA HIS A 11 -0.21 -3.30 -2.92
C HIS A 11 1.16 -3.67 -2.28
N ASN A 12 1.52 -3.06 -1.12
CA ASN A 12 2.79 -3.28 -0.40
C ASN A 12 3.97 -2.64 -1.20
N SER A 13 3.80 -1.36 -1.65
CA SER A 13 4.81 -0.60 -2.44
C SER A 13 5.11 -1.37 -3.74
N SER A 14 4.10 -1.42 -4.65
CA SER A 14 4.18 -2.14 -5.95
C SER A 14 4.58 -3.63 -5.68
N SER A 15 4.03 -4.29 -4.60
CA SER A 15 4.40 -5.72 -4.26
C SER A 15 5.88 -5.85 -3.73
N SER A 16 6.75 -4.83 -3.93
CA SER A 16 8.18 -4.81 -3.52
C SER A 16 8.94 -3.49 -3.93
N LEU A 17 8.63 -2.92 -5.12
CA LEU A 17 9.28 -1.68 -5.62
C LEU A 17 8.74 -0.37 -4.98
N ASN A 1 -7.44 -0.02 10.20
CA ASN A 1 -7.02 0.87 9.08
C ASN A 1 -5.46 0.79 8.93
N VAL A 2 -4.95 -0.36 8.47
CA VAL A 2 -3.51 -0.62 8.22
C VAL A 2 -3.46 -1.12 6.74
N HIS A 3 -3.96 -2.35 6.48
CA HIS A 3 -4.05 -2.94 5.11
C HIS A 3 -5.14 -2.17 4.30
N THR A 4 -6.30 -1.86 4.93
CA THR A 4 -7.39 -1.08 4.32
C THR A 4 -7.27 0.42 4.78
N PHE A 5 -6.02 0.97 4.84
CA PHE A 5 -5.73 2.37 5.20
C PHE A 5 -6.00 3.21 3.92
N ARG A 6 -5.06 3.10 2.97
CA ARG A 6 -5.10 3.76 1.65
C ARG A 6 -4.66 2.76 0.54
N GLY A 7 -5.18 1.54 0.65
CA GLY A 7 -4.89 0.43 -0.29
C GLY A 7 -3.53 -0.27 -0.06
N ASP A 8 -3.04 -0.32 1.20
CA ASP A 8 -1.74 -0.95 1.59
C ASP A 8 -0.48 -0.34 0.87
N ASN A 9 -0.46 0.99 0.62
CA ASN A 9 0.66 1.69 -0.06
C ASN A 9 0.97 1.17 -1.50
N VAL A 10 -0.11 1.00 -2.29
CA VAL A 10 -0.08 0.51 -3.69
C VAL A 10 0.32 -0.98 -3.79
N HIS A 11 -0.46 -1.82 -3.08
CA HIS A 11 -0.29 -3.30 -3.00
C HIS A 11 1.06 -3.72 -2.33
N ASN A 12 1.37 -3.12 -1.15
CA ASN A 12 2.61 -3.37 -0.37
C ASN A 12 3.81 -2.71 -1.10
N SER A 13 3.68 -1.39 -1.49
CA SER A 13 4.75 -0.63 -2.20
C SER A 13 5.05 -1.34 -3.54
N SER A 14 4.08 -1.33 -4.48
CA SER A 14 4.20 -2.00 -5.81
C SER A 14 4.57 -3.50 -5.61
N SER A 15 3.99 -4.21 -4.57
CA SER A 15 4.33 -5.67 -4.31
C SER A 15 5.82 -5.86 -3.77
N SER A 16 6.70 -4.82 -3.87
CA SER A 16 8.12 -4.86 -3.44
C SER A 16 8.87 -3.49 -3.64
N LEU A 17 8.62 -2.79 -4.78
CA LEU A 17 9.28 -1.48 -5.08
C LEU A 17 8.67 -0.28 -4.29
N ASN A 1 -6.22 -3.60 10.00
CA ASN A 1 -6.58 -2.16 10.01
C ASN A 1 -5.73 -1.30 9.01
N VAL A 2 -4.39 -1.39 9.09
CA VAL A 2 -3.46 -0.68 8.18
C VAL A 2 -3.55 -1.17 6.69
N HIS A 3 -3.84 -2.47 6.42
CA HIS A 3 -4.02 -3.03 5.05
C HIS A 3 -5.13 -2.24 4.27
N THR A 4 -6.25 -1.90 4.93
CA THR A 4 -7.35 -1.10 4.36
C THR A 4 -7.19 0.41 4.81
N PHE A 5 -5.94 0.93 4.92
CA PHE A 5 -5.64 2.33 5.29
C PHE A 5 -5.90 3.18 4.01
N ARG A 6 -4.95 3.09 3.07
CA ARG A 6 -4.99 3.75 1.75
C ARG A 6 -4.55 2.75 0.63
N GLY A 7 -5.12 1.54 0.73
CA GLY A 7 -4.85 0.44 -0.21
C GLY A 7 -3.49 -0.28 -0.01
N ASP A 8 -2.99 -0.37 1.25
CA ASP A 8 -1.69 -1.02 1.60
C ASP A 8 -0.44 -0.42 0.88
N ASN A 9 -0.40 0.93 0.67
CA ASN A 9 0.72 1.63 -0.01
C ASN A 9 1.00 1.14 -1.47
N VAL A 10 -0.08 0.97 -2.24
CA VAL A 10 -0.06 0.51 -3.66
C VAL A 10 0.34 -0.98 -3.79
N HIS A 11 -0.42 -1.83 -3.06
CA HIS A 11 -0.24 -3.32 -3.00
C HIS A 11 1.13 -3.72 -2.37
N ASN A 12 1.48 -3.13 -1.20
CA ASN A 12 2.75 -3.37 -0.46
C ASN A 12 3.93 -2.69 -1.22
N SER A 13 3.76 -1.38 -1.61
CA SER A 13 4.81 -0.60 -2.35
C SER A 13 5.08 -1.32 -3.67
N SER A 14 4.09 -1.31 -4.60
CA SER A 14 4.18 -1.98 -5.93
C SER A 14 4.57 -3.48 -5.74
N SER A 15 4.03 -4.20 -4.69
CA SER A 15 4.39 -5.64 -4.41
C SER A 15 5.89 -5.81 -3.92
N SER A 16 6.76 -4.77 -4.05
CA SER A 16 8.19 -4.77 -3.64
C SER A 16 8.91 -3.41 -3.89
N LEU A 17 8.63 -2.73 -5.03
CA LEU A 17 9.26 -1.42 -5.38
C LEU A 17 8.59 -0.20 -4.69
N ASN A 1 0.05 10.10 3.86
CA ASN A 1 0.26 9.26 5.07
C ASN A 1 -0.94 8.29 5.24
N VAL A 2 -2.11 8.81 5.64
CA VAL A 2 -3.36 8.00 5.78
C VAL A 2 -3.93 7.52 4.40
N HIS A 3 -3.70 8.26 3.28
CA HIS A 3 -4.14 7.85 1.91
C HIS A 3 -3.58 6.43 1.54
N THR A 4 -2.31 6.17 1.87
CA THR A 4 -1.63 4.88 1.68
C THR A 4 -1.85 3.89 2.90
N PHE A 5 -2.82 4.17 3.80
CA PHE A 5 -3.19 3.34 4.96
C PHE A 5 -4.00 2.10 4.57
N ARG A 6 -5.12 2.35 3.88
CA ARG A 6 -6.06 1.31 3.40
C ARG A 6 -5.81 0.66 2.04
N GLY A 7 -5.13 1.41 1.18
CA GLY A 7 -4.71 0.90 -0.15
C GLY A 7 -3.39 0.03 -0.04
N ASP A 8 -2.78 -0.03 1.18
CA ASP A 8 -1.55 -0.75 1.58
C ASP A 8 -0.29 -0.20 0.88
N ASN A 9 -0.18 1.13 0.71
CA ASN A 9 0.97 1.79 0.04
C ASN A 9 1.19 1.36 -1.44
N VAL A 10 0.07 1.34 -2.19
CA VAL A 10 0.01 0.96 -3.63
C VAL A 10 0.28 -0.56 -3.86
N HIS A 11 -0.55 -1.37 -3.18
CA HIS A 11 -0.50 -2.87 -3.22
C HIS A 11 0.81 -3.45 -2.60
N ASN A 12 1.18 -3.00 -1.38
CA ASN A 12 2.39 -3.42 -0.64
C ASN A 12 3.64 -2.80 -1.34
N SER A 13 3.63 -1.46 -1.62
CA SER A 13 4.76 -0.75 -2.29
C SER A 13 4.95 -1.35 -3.67
N SER A 14 3.98 -1.14 -4.61
CA SER A 14 4.03 -1.71 -5.98
C SER A 14 4.23 -3.26 -5.94
N SER A 15 3.69 -4.00 -4.91
CA SER A 15 3.89 -5.50 -4.80
C SER A 15 5.41 -5.89 -4.64
N SER A 16 6.35 -4.91 -4.56
CA SER A 16 7.79 -5.11 -4.45
C SER A 16 8.50 -3.80 -3.96
N LEU A 17 8.45 -2.73 -4.79
CA LEU A 17 9.05 -1.41 -4.43
C LEU A 17 8.40 -0.27 -5.25
N ASN A 1 -3.91 6.23 8.82
CA ASN A 1 -4.01 4.77 8.50
C ASN A 1 -5.51 4.31 8.48
N VAL A 2 -6.37 4.98 7.68
CA VAL A 2 -7.81 4.61 7.52
C VAL A 2 -7.90 3.43 6.50
N HIS A 3 -7.54 3.69 5.24
CA HIS A 3 -7.49 2.70 4.13
C HIS A 3 -6.16 1.83 4.07
N THR A 4 -5.38 1.87 5.17
CA THR A 4 -4.11 1.20 5.41
C THR A 4 -2.91 1.94 4.72
N PHE A 5 -2.78 3.26 5.00
CA PHE A 5 -1.72 4.14 4.42
C PHE A 5 -1.90 4.36 2.89
N ARG A 6 -3.12 4.80 2.52
CA ARG A 6 -3.54 5.14 1.14
C ARG A 6 -3.55 3.94 0.17
N GLY A 7 -4.42 3.02 0.59
CA GLY A 7 -4.68 1.74 -0.10
C GLY A 7 -3.54 0.72 -0.02
N ASP A 8 -3.11 0.37 1.21
CA ASP A 8 -2.00 -0.60 1.45
C ASP A 8 -0.65 -0.16 0.81
N ASN A 9 -0.33 1.16 0.81
CA ASN A 9 0.92 1.72 0.21
C ASN A 9 1.14 1.31 -1.28
N VAL A 10 0.05 1.33 -2.08
CA VAL A 10 0.04 0.95 -3.52
C VAL A 10 0.33 -0.57 -3.72
N HIS A 11 -0.46 -1.38 -2.99
CA HIS A 11 -0.37 -2.89 -2.99
C HIS A 11 0.99 -3.41 -2.46
N ASN A 12 1.46 -2.88 -1.30
CA ASN A 12 2.76 -3.25 -0.65
C ASN A 12 3.93 -2.60 -1.47
N SER A 13 3.82 -1.28 -1.81
CA SER A 13 4.86 -0.53 -2.59
C SER A 13 5.05 -1.21 -3.96
N SER A 14 3.99 -1.21 -4.81
CA SER A 14 4.00 -1.85 -6.16
C SER A 14 4.30 -3.37 -5.99
N SER A 15 3.67 -4.08 -4.98
CA SER A 15 3.92 -5.55 -4.74
C SER A 15 5.36 -5.85 -4.18
N SER A 16 6.32 -4.88 -4.24
CA SER A 16 7.71 -5.04 -3.77
C SER A 16 8.49 -3.70 -3.86
N LEU A 17 8.45 -3.02 -5.04
CA LEU A 17 9.17 -1.72 -5.24
C LEU A 17 8.62 -0.93 -6.46
N ASN A 1 -9.69 4.86 10.48
CA ASN A 1 -9.77 4.27 9.11
C ASN A 1 -8.37 4.26 8.49
N VAL A 2 -7.89 5.38 7.88
CA VAL A 2 -6.54 5.54 7.23
C VAL A 2 -6.33 4.74 5.90
N HIS A 3 -7.00 3.60 5.87
CA HIS A 3 -7.06 2.57 4.80
C HIS A 3 -5.66 1.95 4.42
N THR A 4 -4.79 1.91 5.43
CA THR A 4 -3.42 1.40 5.42
C THR A 4 -2.51 2.10 4.37
N PHE A 5 -2.41 3.45 4.43
CA PHE A 5 -1.60 4.28 3.49
C PHE A 5 -2.19 4.30 2.06
N ARG A 6 -3.52 4.54 1.98
CA ARG A 6 -4.31 4.65 0.72
C ARG A 6 -4.26 3.42 -0.21
N GLY A 7 -4.69 2.34 0.44
CA GLY A 7 -4.80 1.00 -0.16
C GLY A 7 -3.56 0.12 0.00
N ASP A 8 -3.10 -0.11 1.25
CA ASP A 8 -1.88 -0.95 1.52
C ASP A 8 -0.59 -0.42 0.83
N ASN A 9 -0.40 0.91 0.73
CA ASN A 9 0.78 1.55 0.08
C ASN A 9 1.03 1.08 -1.39
N VAL A 10 -0.07 0.93 -2.16
CA VAL A 10 -0.05 0.48 -3.58
C VAL A 10 0.42 -1.00 -3.71
N HIS A 11 -0.26 -1.88 -2.93
CA HIS A 11 0.00 -3.35 -2.86
C HIS A 11 1.41 -3.66 -2.26
N ASN A 12 1.77 -3.03 -1.12
CA ASN A 12 3.08 -3.19 -0.43
C ASN A 12 4.20 -2.51 -1.29
N SER A 13 3.97 -1.24 -1.72
CA SER A 13 4.94 -0.46 -2.55
C SER A 13 5.14 -1.21 -3.88
N SER A 14 4.11 -1.24 -4.75
CA SER A 14 4.16 -1.95 -6.06
C SER A 14 4.58 -3.44 -5.86
N SER A 15 4.19 -4.12 -4.72
CA SER A 15 4.61 -5.56 -4.47
C SER A 15 6.18 -5.72 -4.34
N SER A 16 6.97 -4.62 -4.45
CA SER A 16 8.43 -4.61 -4.38
C SER A 16 8.98 -3.17 -4.14
N LEU A 17 8.73 -2.24 -5.09
CA LEU A 17 9.18 -0.82 -4.95
C LEU A 17 8.32 0.10 -5.88
N ASN A 1 -5.59 7.20 -5.33
CA ASN A 1 -6.03 7.67 -3.98
C ASN A 1 -5.94 6.48 -2.96
N VAL A 2 -4.70 6.02 -2.71
CA VAL A 2 -4.38 4.94 -1.73
C VAL A 2 -4.52 5.34 -0.23
N HIS A 3 -4.19 6.61 0.07
CA HIS A 3 -4.19 7.25 1.41
C HIS A 3 -3.02 6.69 2.33
N THR A 4 -2.04 6.07 1.64
CA THR A 4 -0.81 5.42 2.12
C THR A 4 -0.86 4.62 3.45
N PHE A 5 -2.03 3.99 3.64
CA PHE A 5 -2.37 3.15 4.79
C PHE A 5 -3.64 2.34 4.55
N ARG A 6 -4.67 2.93 3.91
CA ARG A 6 -5.96 2.25 3.63
C ARG A 6 -6.08 1.46 2.31
N GLY A 7 -5.18 1.78 1.40
CA GLY A 7 -5.02 1.12 0.08
C GLY A 7 -3.81 0.11 0.10
N ASP A 8 -3.10 -0.05 1.26
CA ASP A 8 -1.93 -0.95 1.47
C ASP A 8 -0.65 -0.40 0.77
N ASN A 9 -0.43 0.94 0.76
CA ASN A 9 0.76 1.58 0.11
C ASN A 9 1.03 1.10 -1.35
N VAL A 10 -0.04 0.95 -2.15
CA VAL A 10 0.00 0.49 -3.57
C VAL A 10 0.45 -1.00 -3.67
N HIS A 11 -0.25 -1.86 -2.90
CA HIS A 11 -0.01 -3.34 -2.81
C HIS A 11 1.39 -3.67 -2.23
N ASN A 12 1.79 -3.02 -1.11
CA ASN A 12 3.10 -3.19 -0.43
C ASN A 12 4.21 -2.50 -1.29
N SER A 13 3.96 -1.24 -1.75
CA SER A 13 4.92 -0.46 -2.59
C SER A 13 5.20 -1.23 -3.89
N SER A 14 4.15 -1.33 -4.76
CA SER A 14 4.20 -2.06 -6.06
C SER A 14 4.65 -3.54 -5.79
N SER A 15 4.16 -4.20 -4.68
CA SER A 15 4.59 -5.61 -4.35
C SER A 15 6.09 -5.69 -3.87
N SER A 16 6.93 -4.65 -4.11
CA SER A 16 8.36 -4.57 -3.74
C SER A 16 9.05 -3.25 -4.19
N LEU A 17 8.69 -2.70 -5.38
CA LEU A 17 9.30 -1.45 -5.93
C LEU A 17 8.74 -0.14 -5.30
N ASN A 1 -6.94 -3.22 9.52
CA ASN A 1 -7.03 -1.74 9.69
C ASN A 1 -6.00 -0.96 8.82
N VAL A 2 -4.69 -1.28 8.96
CA VAL A 2 -3.60 -0.65 8.17
C VAL A 2 -3.68 -1.01 6.64
N HIS A 3 -4.13 -2.24 6.27
CA HIS A 3 -4.31 -2.67 4.85
C HIS A 3 -5.29 -1.71 4.09
N THR A 4 -6.39 -1.30 4.77
CA THR A 4 -7.39 -0.35 4.26
C THR A 4 -7.08 1.10 4.81
N PHE A 5 -5.79 1.46 5.03
CA PHE A 5 -5.34 2.79 5.49
C PHE A 5 -5.49 3.77 4.30
N ARG A 6 -4.56 3.61 3.33
CA ARG A 6 -4.51 4.38 2.07
C ARG A 6 -4.20 3.43 0.88
N GLY A 7 -4.89 2.28 0.89
CA GLY A 7 -4.73 1.22 -0.14
C GLY A 7 -3.46 0.35 0.00
N ASP A 8 -2.97 0.14 1.25
CA ASP A 8 -1.75 -0.67 1.56
C ASP A 8 -0.44 -0.17 0.86
N ASN A 9 -0.25 1.16 0.72
CA ASN A 9 0.94 1.78 0.07
C ASN A 9 1.17 1.36 -1.40
N VAL A 10 0.07 1.36 -2.19
CA VAL A 10 0.03 0.98 -3.63
C VAL A 10 0.26 -0.54 -3.85
N HIS A 11 -0.58 -1.34 -3.16
CA HIS A 11 -0.56 -2.84 -3.21
C HIS A 11 0.74 -3.43 -2.59
N ASN A 12 1.13 -2.97 -1.39
CA ASN A 12 2.35 -3.40 -0.66
C ASN A 12 3.60 -2.80 -1.35
N SER A 13 3.60 -1.47 -1.65
CA SER A 13 4.74 -0.76 -2.33
C SER A 13 4.95 -1.40 -3.72
N SER A 14 3.96 -1.23 -4.64
CA SER A 14 3.99 -1.81 -6.01
C SER A 14 4.22 -3.35 -5.92
N SER A 15 3.59 -4.07 -4.93
CA SER A 15 3.80 -5.57 -4.75
C SER A 15 5.26 -5.93 -4.27
N SER A 16 6.24 -4.99 -4.33
CA SER A 16 7.65 -5.18 -3.93
C SER A 16 8.52 -3.89 -4.08
N LEU A 17 8.32 -3.09 -5.17
CA LEU A 17 9.09 -1.85 -5.42
C LEU A 17 8.55 -0.61 -4.64
N ASN A 1 -4.20 5.62 9.53
CA ASN A 1 -4.30 4.23 8.97
C ASN A 1 -5.80 3.82 8.79
N VAL A 2 -6.59 4.59 8.01
CA VAL A 2 -8.03 4.31 7.72
C VAL A 2 -8.07 3.23 6.58
N HIS A 3 -7.64 3.63 5.37
CA HIS A 3 -7.56 2.76 4.17
C HIS A 3 -6.25 1.86 4.11
N THR A 4 -5.51 1.79 5.23
CA THR A 4 -4.26 1.06 5.48
C THR A 4 -3.04 1.82 4.89
N PHE A 5 -2.89 3.13 5.27
CA PHE A 5 -1.79 4.02 4.81
C PHE A 5 -1.84 4.28 3.27
N ARG A 6 -3.02 4.77 2.82
CA ARG A 6 -3.32 5.15 1.41
C ARG A 6 -3.35 3.97 0.44
N GLY A 7 -4.33 3.11 0.78
CA GLY A 7 -4.63 1.86 0.04
C GLY A 7 -3.52 0.81 0.08
N ASP A 8 -3.07 0.43 1.30
CA ASP A 8 -1.99 -0.59 1.50
C ASP A 8 -0.64 -0.16 0.83
N ASN A 9 -0.29 1.16 0.84
CA ASN A 9 0.96 1.69 0.21
C ASN A 9 1.15 1.29 -1.28
N VAL A 10 0.06 1.32 -2.06
CA VAL A 10 0.02 0.95 -3.50
C VAL A 10 0.32 -0.57 -3.72
N HIS A 11 -0.45 -1.40 -2.98
CA HIS A 11 -0.35 -2.90 -3.00
C HIS A 11 1.03 -3.40 -2.46
N ASN A 12 1.47 -2.89 -1.29
CA ASN A 12 2.75 -3.24 -0.63
C ASN A 12 3.93 -2.62 -1.45
N SER A 13 3.83 -1.31 -1.81
CA SER A 13 4.87 -0.57 -2.60
C SER A 13 5.01 -1.26 -3.97
N SER A 14 3.96 -1.17 -4.83
CA SER A 14 3.93 -1.80 -6.18
C SER A 14 4.23 -3.33 -6.05
N SER A 15 3.71 -4.04 -4.97
CA SER A 15 3.99 -5.51 -4.77
C SER A 15 5.51 -5.79 -4.38
N SER A 16 6.43 -4.80 -4.53
CA SER A 16 7.88 -4.92 -4.22
C SER A 16 8.67 -3.60 -4.46
N LEU A 17 8.37 -2.85 -5.55
CA LEU A 17 9.07 -1.58 -5.88
C LEU A 17 8.60 -0.37 -5.01
#